data_6N5J
#
_entry.id   6N5J
#
_cell.length_a   34.784
_cell.length_b   76.104
_cell.length_c   108.704
_cell.angle_alpha   90.00
_cell.angle_beta   93.95
_cell.angle_gamma   90.00
#
_symmetry.space_group_name_H-M   'P 1 21 1'
#
loop_
_entity.id
_entity.type
_entity.pdbx_description
1 polymer 'Signal recognition particle receptor FtsY'
2 non-polymer 'AMMONIUM ION'
3 non-polymer 'ACETATE ION'
4 water water
#
_entity_poly.entity_id   1
_entity_poly.type   'polypeptide(L)'
_entity_poly.pdbx_seq_one_letter_code
;GFARLKRSLLKTKENLGSGFISLFRGKKIDDDLFEELEEQLLIADVGVETTRKIITNLTEGASRKQLRDAEALYGLLKEE
MGEILAKVDEPLNVEGKAPFVILMVGVNGVGKTTTIGKLARQFEQQGKSVMLAAGDTFRAAAVEQLQVWGQRNNIPVIAQ
HTGADSASVIFDAIQAAKARNIDVLIADTAGRLQNKSHLMEELKKIVRVMKKLDVEAPHEVMLTIDASTGQNAVSQAKLF
HEAVGLTGITLTKLDGTAKGGVIFSVADQFGIPIRYIGVGERIEDLRPFKADDFIEALFARED
;
_entity_poly.pdbx_strand_id   A,B
#
loop_
_chem_comp.id
_chem_comp.type
_chem_comp.name
_chem_comp.formula
ACT non-polymer 'ACETATE ION' 'C2 H3 O2 -1'
NH4 non-polymer 'AMMONIUM ION' 'H4 N 1'
#
# COMPACT_ATOMS: atom_id res chain seq x y z
N GLY A 1 3.49 5.39 9.88
CA GLY A 1 3.70 6.82 9.71
C GLY A 1 4.71 7.19 8.65
N PHE A 2 4.22 7.42 7.42
CA PHE A 2 5.15 7.79 6.36
C PHE A 2 5.85 9.11 6.65
N ALA A 3 5.14 10.07 7.26
CA ALA A 3 5.71 11.40 7.43
C ALA A 3 6.88 11.38 8.40
N ARG A 4 6.80 10.57 9.45
CA ARG A 4 7.94 10.45 10.35
C ARG A 4 9.14 9.89 9.61
N LEU A 5 8.91 8.96 8.70
CA LEU A 5 10.01 8.32 7.98
C LEU A 5 10.73 9.26 7.04
N LYS A 6 10.07 10.34 6.59
CA LYS A 6 10.71 11.24 5.62
C LYS A 6 12.04 11.77 6.12
N ARG A 7 12.14 12.20 7.37
CA ARG A 7 13.41 12.72 7.85
C ARG A 7 14.49 11.65 7.84
N SER A 8 14.13 10.43 8.21
CA SER A 8 15.11 9.35 8.23
C SER A 8 15.67 9.07 6.85
N LEU A 9 14.88 9.30 5.80
CA LEU A 9 15.25 8.91 4.45
C LEU A 9 15.74 10.08 3.61
N LEU A 10 16.00 11.22 4.22
CA LEU A 10 16.35 12.42 3.46
C LEU A 10 17.54 12.16 2.54
N LYS A 11 18.59 11.53 3.08
CA LYS A 11 19.79 11.31 2.28
C LYS A 11 19.51 10.38 1.10
N THR A 12 18.66 9.39 1.30
CA THR A 12 18.29 8.48 0.21
C THR A 12 17.43 9.19 -0.82
N LYS A 13 16.61 10.14 -0.39
CA LYS A 13 15.76 10.92 -1.28
C LYS A 13 16.55 11.85 -2.20
N GLU A 14 17.86 12.02 -1.97
CA GLU A 14 18.62 12.81 -2.92
C GLU A 14 18.64 12.15 -4.30
N ASN A 15 18.66 10.82 -4.35
CA ASN A 15 18.74 10.09 -5.62
C ASN A 15 17.50 9.30 -5.96
N LEU A 16 16.71 8.89 -4.97
CA LEU A 16 15.56 8.04 -5.22
C LEU A 16 14.30 8.77 -4.78
N GLY A 17 13.18 8.30 -5.31
CA GLY A 17 11.90 8.88 -4.94
C GLY A 17 11.80 10.30 -5.45
N SER A 18 11.63 11.25 -4.53
CA SER A 18 11.54 12.65 -4.93
C SER A 18 12.80 13.11 -5.66
N GLY A 19 13.93 12.42 -5.47
CA GLY A 19 15.13 12.73 -6.22
C GLY A 19 15.02 12.53 -7.72
N PHE A 20 14.01 11.77 -8.18
CA PHE A 20 13.80 11.59 -9.62
C PHE A 20 13.16 12.81 -10.29
N ILE A 21 12.52 13.70 -9.53
CA ILE A 21 11.71 14.74 -10.17
C ILE A 21 12.58 15.61 -11.08
N SER A 22 13.73 16.05 -10.59
CA SER A 22 14.57 16.94 -11.39
C SER A 22 15.13 16.21 -12.61
N LEU A 23 15.30 14.89 -12.52
CA LEU A 23 15.82 14.12 -13.64
C LEU A 23 14.82 14.08 -14.78
N PHE A 24 13.52 13.99 -14.47
CA PHE A 24 12.49 13.88 -15.50
C PHE A 24 12.00 15.23 -16.03
N ARG A 25 12.22 16.31 -15.31
CA ARG A 25 11.61 17.59 -15.65
C ARG A 25 11.95 18.02 -17.07
N GLY A 26 10.91 18.24 -17.88
CA GLY A 26 11.06 18.77 -19.22
C GLY A 26 11.62 17.81 -20.25
N LYS A 27 11.79 16.54 -19.92
CA LYS A 27 12.43 15.61 -20.83
C LYS A 27 11.40 14.72 -21.53
N LYS A 28 11.83 14.19 -22.66
CA LYS A 28 11.05 13.20 -23.39
C LYS A 28 11.51 11.81 -22.96
N ILE A 29 10.67 10.82 -23.27
CA ILE A 29 10.96 9.43 -22.91
C ILE A 29 11.72 8.80 -24.08
N ASP A 30 13.00 8.53 -23.88
CA ASP A 30 13.82 7.91 -24.92
C ASP A 30 14.98 7.16 -24.27
N ASP A 31 15.83 6.56 -25.11
CA ASP A 31 16.93 5.76 -24.56
C ASP A 31 17.85 6.60 -23.68
N ASP A 32 18.09 7.86 -24.05
CA ASP A 32 18.97 8.70 -23.24
C ASP A 32 18.42 8.88 -21.83
N LEU A 33 17.10 9.06 -21.72
CA LEU A 33 16.50 9.24 -20.40
C LEU A 33 16.67 7.98 -19.57
N PHE A 34 16.39 6.82 -20.16
CA PHE A 34 16.53 5.59 -19.40
C PHE A 34 17.97 5.33 -19.00
N GLU A 35 18.94 5.78 -19.81
CA GLU A 35 20.34 5.66 -19.42
C GLU A 35 20.65 6.58 -18.23
N GLU A 36 20.13 7.80 -18.23
CA GLU A 36 20.31 8.68 -17.08
C GLU A 36 19.68 8.08 -15.82
N LEU A 37 18.50 7.50 -15.96
CA LEU A 37 17.84 6.90 -14.80
C LEU A 37 18.65 5.72 -14.27
N GLU A 38 19.20 4.90 -15.16
CA GLU A 38 20.05 3.80 -14.72
C GLU A 38 21.22 4.30 -13.90
N GLU A 39 21.90 5.34 -14.37
CA GLU A 39 23.02 5.89 -13.62
C GLU A 39 22.59 6.33 -12.23
N GLN A 40 21.41 6.95 -12.12
CA GLN A 40 20.97 7.45 -10.83
C GLN A 40 20.60 6.31 -9.88
N LEU A 41 19.93 5.28 -10.38
CA LEU A 41 19.61 4.12 -9.57
C LEU A 41 20.89 3.43 -9.08
N LEU A 42 21.90 3.33 -9.94
CA LEU A 42 23.13 2.64 -9.52
C LEU A 42 23.88 3.42 -8.46
N ILE A 43 23.96 4.74 -8.58
CA ILE A 43 24.63 5.54 -7.56
C ILE A 43 23.94 5.44 -6.22
N ALA A 44 22.64 5.17 -6.23
CA ALA A 44 21.87 4.99 -5.01
C ALA A 44 22.03 3.59 -4.42
N ASP A 45 22.88 2.74 -5.02
CA ASP A 45 23.16 1.38 -4.53
C ASP A 45 21.99 0.42 -4.72
N VAL A 46 21.17 0.65 -5.73
CA VAL A 46 20.11 -0.29 -6.07
C VAL A 46 20.63 -1.58 -6.66
N GLY A 47 21.82 -1.56 -7.21
CA GLY A 47 22.42 -2.79 -7.70
C GLY A 47 22.12 -3.03 -9.16
N VAL A 48 23.05 -3.73 -9.82
CA VAL A 48 22.99 -3.86 -11.27
C VAL A 48 21.74 -4.61 -11.71
N GLU A 49 21.48 -5.78 -11.10
CA GLU A 49 20.37 -6.62 -11.57
C GLU A 49 19.02 -5.98 -11.29
N THR A 50 18.84 -5.43 -10.10
CA THR A 50 17.56 -4.82 -9.76
C THR A 50 17.33 -3.56 -10.58
N THR A 51 18.40 -2.78 -10.81
CA THR A 51 18.27 -1.60 -11.64
C THR A 51 17.81 -1.97 -13.05
N ARG A 52 18.41 -3.01 -13.63
CA ARG A 52 18.01 -3.43 -14.96
C ARG A 52 16.54 -3.82 -15.00
N LYS A 53 16.07 -4.55 -13.98
CA LYS A 53 14.67 -4.95 -13.91
C LYS A 53 13.76 -3.73 -13.84
N ILE A 54 14.11 -2.77 -12.98
CA ILE A 54 13.31 -1.55 -12.86
C ILE A 54 13.22 -0.83 -14.21
N ILE A 55 14.34 -0.67 -14.89
CA ILE A 55 14.34 0.03 -16.16
C ILE A 55 13.50 -0.71 -17.20
N THR A 56 13.67 -2.04 -17.27
CA THR A 56 12.91 -2.83 -18.23
C THR A 56 11.41 -2.69 -17.99
N ASN A 57 10.99 -2.83 -16.73
CA ASN A 57 9.57 -2.76 -16.44
C ASN A 57 9.03 -1.35 -16.68
N LEU A 58 9.83 -0.33 -16.36
CA LEU A 58 9.40 1.04 -16.58
C LEU A 58 9.25 1.32 -18.08
N THR A 59 10.21 0.87 -18.88
CA THR A 59 10.13 1.07 -20.32
C THR A 59 8.86 0.43 -20.89
N GLU A 60 8.59 -0.81 -20.50
CA GLU A 60 7.42 -1.53 -21.00
C GLU A 60 6.14 -0.87 -20.53
N GLY A 61 6.11 -0.42 -19.28
CA GLY A 61 4.92 0.23 -18.77
C GLY A 61 4.63 1.54 -19.49
N ALA A 62 5.67 2.34 -19.73
CA ALA A 62 5.50 3.61 -20.41
C ALA A 62 5.02 3.42 -21.83
N SER A 63 5.57 2.43 -22.53
CA SER A 63 5.15 2.18 -23.90
C SER A 63 3.70 1.71 -23.94
N ARG A 64 3.33 0.82 -23.02
CA ARG A 64 1.97 0.30 -23.01
C ARG A 64 0.95 1.40 -22.68
N LYS A 65 1.32 2.34 -21.81
CA LYS A 65 0.44 3.46 -21.48
C LYS A 65 0.55 4.61 -22.47
N GLN A 66 1.45 4.52 -23.45
CA GLN A 66 1.65 5.58 -24.44
C GLN A 66 1.94 6.91 -23.78
N LEU A 67 2.85 6.88 -22.81
CA LEU A 67 3.26 8.11 -22.15
C LEU A 67 4.13 8.95 -23.09
N ARG A 68 3.96 10.26 -22.99
CA ARG A 68 4.67 11.26 -23.78
C ARG A 68 5.74 11.97 -22.98
N ASP A 69 5.43 12.35 -21.74
CA ASP A 69 6.29 13.22 -20.94
C ASP A 69 7.04 12.40 -19.90
N ALA A 70 8.33 12.67 -19.74
CA ALA A 70 9.10 11.94 -18.73
C ALA A 70 8.56 12.17 -17.33
N GLU A 71 7.92 13.31 -17.07
CA GLU A 71 7.34 13.55 -15.75
C GLU A 71 6.39 12.44 -15.35
N ALA A 72 5.70 11.84 -16.31
CA ALA A 72 4.73 10.80 -16.05
C ALA A 72 5.37 9.49 -15.63
N LEU A 73 6.68 9.32 -15.84
CA LEU A 73 7.37 8.14 -15.35
C LEU A 73 7.40 8.08 -13.83
N TYR A 74 7.23 9.21 -13.15
CA TYR A 74 7.38 9.23 -11.70
C TYR A 74 6.40 8.29 -11.04
N GLY A 75 5.13 8.38 -11.43
CA GLY A 75 4.11 7.52 -10.83
C GLY A 75 4.32 6.06 -11.17
N LEU A 76 4.77 5.77 -12.39
CA LEU A 76 5.07 4.38 -12.74
C LEU A 76 6.21 3.84 -11.92
N LEU A 77 7.23 4.67 -11.68
CA LEU A 77 8.35 4.23 -10.87
C LEU A 77 7.93 4.01 -9.43
N LYS A 78 7.11 4.91 -8.90
CA LYS A 78 6.60 4.72 -7.55
C LYS A 78 5.86 3.39 -7.44
N GLU A 79 5.04 3.06 -8.44
CA GLU A 79 4.31 1.82 -8.38
C GLU A 79 5.24 0.62 -8.50
N GLU A 80 6.18 0.67 -9.43
CA GLU A 80 7.03 -0.48 -9.68
C GLU A 80 8.03 -0.70 -8.54
N MET A 81 8.64 0.36 -8.03
CA MET A 81 9.51 0.20 -6.87
C MET A 81 8.70 -0.13 -5.63
N GLY A 82 7.48 0.38 -5.53
CA GLY A 82 6.64 -0.02 -4.43
C GLY A 82 6.29 -1.49 -4.46
N GLU A 83 6.07 -2.05 -5.66
CA GLU A 83 5.79 -3.47 -5.76
C GLU A 83 6.97 -4.32 -5.31
N ILE A 84 8.19 -3.88 -5.61
CA ILE A 84 9.37 -4.61 -5.13
C ILE A 84 9.29 -4.79 -3.61
N LEU A 85 8.98 -3.69 -2.91
CA LEU A 85 8.91 -3.74 -1.45
C LEU A 85 7.64 -4.43 -0.96
N ALA A 86 6.52 -4.28 -1.68
CA ALA A 86 5.30 -4.94 -1.25
C ALA A 86 5.48 -6.46 -1.19
N LYS A 87 6.33 -7.02 -2.05
CA LYS A 87 6.52 -8.47 -2.08
C LYS A 87 7.22 -8.99 -0.82
N VAL A 88 7.87 -8.13 -0.04
CA VAL A 88 8.57 -8.50 1.17
C VAL A 88 7.98 -7.82 2.40
N ASP A 89 6.72 -7.41 2.32
CA ASP A 89 6.06 -6.63 3.37
C ASP A 89 5.21 -7.49 4.30
N GLU A 90 5.71 -8.58 4.80
CA GLU A 90 4.98 -9.45 5.71
C GLU A 90 5.52 -9.24 7.12
N PRO A 91 4.73 -8.73 8.06
CA PRO A 91 5.24 -8.54 9.41
C PRO A 91 5.58 -9.85 10.08
N LEU A 92 6.54 -9.80 10.99
CA LEU A 92 6.86 -10.96 11.79
C LEU A 92 5.79 -11.17 12.85
N ASN A 93 5.23 -12.38 12.92
CA ASN A 93 4.23 -12.77 13.90
C ASN A 93 4.86 -13.85 14.78
N VAL A 94 5.10 -13.53 16.05
CA VAL A 94 5.77 -14.44 16.97
C VAL A 94 4.79 -15.18 17.88
N GLU A 95 3.49 -15.10 17.62
CA GLU A 95 2.49 -15.65 18.52
C GLU A 95 2.30 -17.15 18.37
N GLY A 96 1.87 -17.78 19.46
CA GLY A 96 1.29 -19.10 19.38
C GLY A 96 2.24 -20.28 19.39
N LYS A 97 3.50 -20.10 19.76
CA LYS A 97 4.44 -21.21 19.78
C LYS A 97 5.09 -21.28 21.15
N ALA A 98 5.73 -22.40 21.43
CA ALA A 98 6.14 -22.75 22.79
C ALA A 98 7.57 -23.29 22.81
N PRO A 99 8.58 -22.45 22.59
CA PRO A 99 8.52 -21.02 22.22
C PRO A 99 8.59 -20.84 20.72
N PHE A 100 8.29 -19.62 20.26
CA PHE A 100 8.67 -19.20 18.92
C PHE A 100 10.16 -18.89 18.95
N VAL A 101 10.93 -19.60 18.13
CA VAL A 101 12.40 -19.50 18.13
C VAL A 101 12.84 -18.62 16.97
N ILE A 102 13.57 -17.55 17.30
CA ILE A 102 14.23 -16.68 16.34
C ILE A 102 15.71 -16.98 16.40
N LEU A 103 16.28 -17.45 15.31
CA LEU A 103 17.72 -17.64 15.17
C LEU A 103 18.26 -16.41 14.44
N MET A 104 19.08 -15.62 15.12
CA MET A 104 19.63 -14.38 14.57
C MET A 104 20.98 -14.69 13.94
N VAL A 105 21.08 -14.44 12.64
CA VAL A 105 22.30 -14.71 11.89
C VAL A 105 22.82 -13.42 11.27
N GLY A 106 24.09 -13.47 10.86
CA GLY A 106 24.74 -12.31 10.25
C GLY A 106 26.19 -12.26 10.66
N VAL A 107 26.93 -11.35 10.06
CA VAL A 107 28.36 -11.22 10.34
C VAL A 107 28.60 -10.41 11.60
N ASN A 108 29.79 -10.58 12.17
CA ASN A 108 30.22 -9.73 13.27
C ASN A 108 30.30 -8.30 12.77
N GLY A 109 29.94 -7.35 13.62
CA GLY A 109 30.05 -5.95 13.28
C GLY A 109 28.84 -5.33 12.64
N VAL A 110 27.69 -6.00 12.62
CA VAL A 110 26.44 -5.41 12.14
C VAL A 110 25.43 -5.23 13.27
N GLY A 111 25.85 -5.36 14.53
CA GLY A 111 24.94 -5.09 15.63
C GLY A 111 23.91 -6.17 15.93
N LYS A 112 24.23 -7.43 15.67
CA LYS A 112 23.29 -8.51 15.95
C LYS A 112 22.87 -8.51 17.41
N THR A 113 23.84 -8.44 18.34
CA THR A 113 23.51 -8.56 19.75
C THR A 113 22.60 -7.40 20.20
N THR A 114 22.93 -6.18 19.79
CA THR A 114 22.12 -5.04 20.19
C THR A 114 20.72 -5.16 19.59
N THR A 115 20.62 -5.66 18.37
CA THR A 115 19.32 -5.83 17.74
C THR A 115 18.47 -6.85 18.49
N ILE A 116 19.10 -7.93 18.93
CA ILE A 116 18.40 -8.91 19.76
C ILE A 116 17.83 -8.26 21.01
N GLY A 117 18.65 -7.47 21.70
CA GLY A 117 18.20 -6.85 22.93
C GLY A 117 17.03 -5.92 22.71
N LYS A 118 17.09 -5.13 21.63
CA LYS A 118 16.00 -4.21 21.29
C LYS A 118 14.72 -4.98 20.99
N LEU A 119 14.81 -6.03 20.18
CA LEU A 119 13.62 -6.85 19.89
C LEU A 119 13.07 -7.49 21.15
N ALA A 120 13.96 -8.00 22.01
CA ALA A 120 13.53 -8.64 23.26
C ALA A 120 12.77 -7.67 24.13
N ARG A 121 13.29 -6.44 24.28
CA ARG A 121 12.60 -5.45 25.09
C ARG A 121 11.25 -5.11 24.48
N GLN A 122 11.20 -5.01 23.14
CA GLN A 122 9.94 -4.74 22.46
C GLN A 122 8.92 -5.83 22.71
N PHE A 123 9.31 -7.10 22.57
CA PHE A 123 8.37 -8.19 22.81
C PHE A 123 7.92 -8.22 24.27
N GLU A 124 8.84 -7.94 25.21
CA GLU A 124 8.47 -7.91 26.61
C GLU A 124 7.50 -6.77 26.89
N GLN A 125 7.73 -5.60 26.29
CA GLN A 125 6.80 -4.48 26.49
C GLN A 125 5.43 -4.78 25.93
N GLN A 126 5.34 -5.71 24.99
CA GLN A 126 4.09 -6.20 24.41
C GLN A 126 3.48 -7.33 25.22
N GLY A 127 4.04 -7.69 26.37
CA GLY A 127 3.42 -8.69 27.20
C GLY A 127 3.87 -10.12 26.94
N LYS A 128 4.84 -10.35 26.08
CA LYS A 128 5.31 -11.70 25.83
C LYS A 128 6.45 -12.01 26.78
N SER A 129 6.57 -13.28 27.16
CA SER A 129 7.73 -13.74 27.93
C SER A 129 8.83 -14.14 26.96
N VAL A 130 10.03 -13.63 27.23
CA VAL A 130 11.17 -13.76 26.33
C VAL A 130 12.30 -14.45 27.08
N MET A 131 13.10 -15.19 26.33
CA MET A 131 14.35 -15.76 26.81
C MET A 131 15.39 -15.56 25.72
N LEU A 132 16.64 -15.36 26.13
CA LEU A 132 17.75 -15.15 25.20
C LEU A 132 18.75 -16.27 25.33
N ALA A 133 19.36 -16.65 24.22
CA ALA A 133 20.41 -17.65 24.20
C ALA A 133 21.68 -17.03 23.65
N ALA A 134 22.75 -17.11 24.43
CA ALA A 134 24.05 -16.53 24.07
C ALA A 134 24.85 -17.53 23.24
N GLY A 135 24.45 -17.67 21.98
CA GLY A 135 25.07 -18.62 21.08
C GLY A 135 26.34 -18.15 20.37
N ASP A 136 26.77 -16.91 20.56
CA ASP A 136 28.06 -16.44 20.05
C ASP A 136 29.11 -16.74 21.12
N THR A 137 29.45 -18.02 21.23
CA THR A 137 29.99 -18.55 22.48
C THR A 137 31.46 -18.25 22.71
N PHE A 138 32.20 -17.87 21.69
CA PHE A 138 33.62 -17.55 21.86
C PHE A 138 33.87 -16.07 22.09
N ARG A 139 32.83 -15.24 21.99
CA ARG A 139 32.96 -13.78 22.13
C ARG A 139 32.36 -13.35 23.46
N ALA A 140 33.22 -13.26 24.49
CA ALA A 140 32.75 -12.94 25.83
C ALA A 140 32.00 -11.61 25.85
N ALA A 141 32.41 -10.65 25.03
CA ALA A 141 31.72 -9.36 25.01
C ALA A 141 30.29 -9.48 24.50
N ALA A 142 30.06 -10.35 23.52
CA ALA A 142 28.70 -10.57 23.03
C ALA A 142 27.83 -11.21 24.10
N VAL A 143 28.39 -12.18 24.83
CA VAL A 143 27.64 -12.84 25.91
C VAL A 143 27.29 -11.82 26.98
N GLU A 144 28.27 -11.02 27.39
CA GLU A 144 28.04 -10.01 28.43
C GLU A 144 27.00 -8.98 28.00
N GLN A 145 27.05 -8.55 26.74
CA GLN A 145 26.09 -7.57 26.25
C GLN A 145 24.67 -8.13 26.36
N LEU A 146 24.50 -9.40 26.00
CA LEU A 146 23.19 -10.03 26.11
C LEU A 146 22.75 -10.14 27.57
N GLN A 147 23.69 -10.48 28.45
CA GLN A 147 23.41 -10.57 29.88
C GLN A 147 23.03 -9.22 30.47
N VAL A 148 23.61 -8.13 29.96
CA VAL A 148 23.21 -6.79 30.39
C VAL A 148 21.74 -6.54 30.06
N TRP A 149 21.36 -6.82 28.81
CA TRP A 149 19.96 -6.65 28.43
C TRP A 149 19.06 -7.48 29.33
N GLY A 150 19.45 -8.73 29.59
CA GLY A 150 18.62 -9.58 30.42
C GLY A 150 18.53 -9.13 31.86
N GLN A 151 19.64 -8.69 32.45
CA GLN A 151 19.61 -8.31 33.86
C GLN A 151 18.77 -7.07 34.07
N ARG A 152 18.89 -6.08 33.20
CA ARG A 152 18.13 -4.87 33.46
C ARG A 152 16.66 -5.03 33.16
N ASN A 153 16.26 -6.06 32.40
CA ASN A 153 14.88 -6.27 32.03
C ASN A 153 14.27 -7.52 32.64
N ASN A 154 14.97 -8.20 33.53
CA ASN A 154 14.48 -9.45 34.12
C ASN A 154 14.05 -10.44 33.03
N ILE A 155 14.92 -10.60 32.04
CA ILE A 155 14.74 -11.58 30.97
C ILE A 155 15.84 -12.62 31.13
N PRO A 156 15.52 -13.91 31.19
CA PRO A 156 16.56 -14.92 31.39
C PRO A 156 17.45 -15.04 30.18
N VAL A 157 18.74 -15.25 30.45
CA VAL A 157 19.76 -15.41 29.40
C VAL A 157 20.47 -16.74 29.66
N ILE A 158 20.45 -17.61 28.66
CA ILE A 158 21.11 -18.92 28.74
C ILE A 158 22.48 -18.79 28.13
N ALA A 159 23.51 -19.12 28.90
CA ALA A 159 24.88 -18.96 28.48
C ALA A 159 25.72 -20.05 29.13
N GLN A 160 26.84 -20.37 28.48
CA GLN A 160 27.85 -21.28 28.99
C GLN A 160 29.21 -20.58 28.92
N HIS A 161 30.25 -21.29 29.35
CA HIS A 161 31.59 -20.73 29.41
C HIS A 161 32.07 -20.30 28.02
N THR A 162 33.05 -19.40 28.00
CA THR A 162 33.64 -18.97 26.74
C THR A 162 34.22 -20.18 26.02
N GLY A 163 33.84 -20.33 24.76
CA GLY A 163 34.26 -21.45 23.96
C GLY A 163 33.35 -22.65 23.99
N ALA A 164 32.18 -22.54 24.62
CA ALA A 164 31.23 -23.64 24.65
C ALA A 164 30.70 -23.91 23.25
N ASP A 165 30.08 -25.07 23.07
CA ASP A 165 29.47 -25.40 21.79
C ASP A 165 28.14 -24.64 21.64
N SER A 166 28.05 -23.86 20.57
CA SER A 166 26.87 -23.04 20.29
C SER A 166 25.59 -23.89 20.21
N ALA A 167 25.66 -25.03 19.56
CA ALA A 167 24.46 -25.84 19.41
C ALA A 167 23.99 -26.34 20.75
N SER A 168 24.91 -26.65 21.68
CA SER A 168 24.53 -27.11 23.01
C SER A 168 23.90 -26.00 23.84
N VAL A 169 24.44 -24.78 23.77
CA VAL A 169 23.81 -23.65 24.44
C VAL A 169 22.39 -23.49 23.94
N ILE A 170 22.19 -23.52 22.62
CA ILE A 170 20.87 -23.25 22.08
C ILE A 170 19.91 -24.40 22.39
N PHE A 171 20.41 -25.65 22.37
CA PHE A 171 19.62 -26.79 22.82
C PHE A 171 19.14 -26.61 24.27
N ASP A 172 20.06 -26.25 25.16
CA ASP A 172 19.69 -26.04 26.56
C ASP A 172 18.68 -24.91 26.69
N ALA A 173 18.83 -23.88 25.86
CA ALA A 173 17.90 -22.77 25.93
C ALA A 173 16.51 -23.15 25.46
N ILE A 174 16.40 -23.95 24.40
CA ILE A 174 15.06 -24.38 23.99
C ILE A 174 14.43 -25.24 25.05
N GLN A 175 15.20 -26.15 25.66
CA GLN A 175 14.64 -26.96 26.75
C GLN A 175 14.16 -26.08 27.89
N ALA A 176 14.97 -25.09 28.29
CA ALA A 176 14.57 -24.21 29.36
C ALA A 176 13.34 -23.40 28.98
N ALA A 177 13.28 -22.93 27.73
CA ALA A 177 12.13 -22.17 27.28
C ALA A 177 10.85 -22.98 27.36
N LYS A 178 10.91 -24.24 26.95
CA LYS A 178 9.73 -25.10 27.04
C LYS A 178 9.35 -25.36 28.50
N ALA A 179 10.33 -25.59 29.36
CA ALA A 179 10.03 -25.84 30.76
C ALA A 179 9.38 -24.64 31.42
N ARG A 180 9.76 -23.43 31.00
CA ARG A 180 9.34 -22.21 31.66
C ARG A 180 8.22 -21.50 30.93
N ASN A 181 7.63 -22.13 29.92
CA ASN A 181 6.46 -21.58 29.22
C ASN A 181 6.77 -20.24 28.55
N ILE A 182 7.99 -20.13 28.01
CA ILE A 182 8.43 -18.92 27.32
C ILE A 182 7.72 -18.77 25.98
N ASP A 183 7.33 -17.54 25.64
CA ASP A 183 6.69 -17.28 24.34
C ASP A 183 7.69 -17.15 23.19
N VAL A 184 8.82 -16.48 23.42
CA VAL A 184 9.77 -16.14 22.37
C VAL A 184 11.18 -16.38 22.87
N LEU A 185 11.96 -17.16 22.13
CA LEU A 185 13.38 -17.41 22.39
C LEU A 185 14.17 -16.82 21.24
N ILE A 186 15.10 -15.92 21.55
CA ILE A 186 15.97 -15.31 20.53
C ILE A 186 17.40 -15.77 20.79
N ALA A 187 18.01 -16.37 19.78
CA ALA A 187 19.36 -16.93 19.87
C ALA A 187 20.36 -16.12 19.06
N ASP A 188 21.39 -15.62 19.74
CA ASP A 188 22.56 -15.05 19.07
C ASP A 188 23.43 -16.17 18.50
N THR A 189 24.25 -15.82 17.51
CA THR A 189 25.15 -16.77 16.86
C THR A 189 26.47 -16.10 16.52
N ALA A 190 27.46 -16.94 16.23
CA ALA A 190 28.75 -16.49 15.74
C ALA A 190 28.62 -15.86 14.35
N GLY A 191 29.60 -15.04 14.02
CA GLY A 191 29.56 -14.31 12.76
C GLY A 191 30.89 -14.08 12.11
N ARG A 192 31.84 -15.01 12.26
CA ARG A 192 33.15 -14.81 11.65
C ARG A 192 33.12 -15.23 10.18
N LEU A 193 33.35 -14.28 9.29
CA LEU A 193 33.36 -14.58 7.88
C LEU A 193 34.73 -15.01 7.40
N GLN A 194 35.71 -15.08 8.31
CA GLN A 194 37.06 -15.49 7.93
C GLN A 194 37.05 -16.93 7.41
N ASN A 195 36.20 -17.79 7.97
CA ASN A 195 36.02 -19.15 7.49
C ASN A 195 34.53 -19.36 7.21
N LYS A 196 34.12 -19.10 5.96
CA LYS A 196 32.70 -19.13 5.62
C LYS A 196 32.11 -20.51 5.79
N SER A 197 32.80 -21.55 5.32
CA SER A 197 32.22 -22.88 5.43
C SER A 197 32.02 -23.25 6.89
N HIS A 198 32.96 -22.89 7.76
CA HIS A 198 32.84 -23.21 9.18
C HIS A 198 31.62 -22.53 9.77
N LEU A 199 31.42 -21.24 9.45
CA LEU A 199 30.26 -20.53 9.98
C LEU A 199 28.96 -21.17 9.53
N MET A 200 28.85 -21.47 8.24
CA MET A 200 27.61 -22.02 7.73
C MET A 200 27.36 -23.43 8.27
N GLU A 201 28.41 -24.24 8.42
CA GLU A 201 28.22 -25.55 9.05
C GLU A 201 27.79 -25.42 10.50
N GLU A 202 28.34 -24.45 11.23
CA GLU A 202 27.91 -24.25 12.61
C GLU A 202 26.43 -23.88 12.68
N LEU A 203 25.98 -22.98 11.79
CA LEU A 203 24.57 -22.62 11.76
C LEU A 203 23.70 -23.82 11.41
N LYS A 204 24.14 -24.62 10.43
CA LYS A 204 23.36 -25.80 10.06
C LYS A 204 23.27 -26.78 11.22
N LYS A 205 24.35 -26.93 11.99
CA LYS A 205 24.32 -27.81 13.16
C LYS A 205 23.33 -27.30 14.19
N ILE A 206 23.34 -25.99 14.46
CA ILE A 206 22.36 -25.39 15.37
C ILE A 206 20.95 -25.73 14.93
N VAL A 207 20.67 -25.57 13.64
CA VAL A 207 19.32 -25.82 13.15
C VAL A 207 18.94 -27.27 13.34
N ARG A 208 19.87 -28.21 13.03
CA ARG A 208 19.57 -29.64 13.22
C ARG A 208 19.28 -29.95 14.67
N VAL A 209 20.04 -29.36 15.59
CA VAL A 209 19.81 -29.62 17.01
C VAL A 209 18.44 -29.11 17.44
N MET A 210 18.05 -27.92 16.96
CA MET A 210 16.73 -27.37 17.27
C MET A 210 15.64 -28.30 16.79
N LYS A 211 15.79 -28.83 15.58
CA LYS A 211 14.75 -29.62 14.93
C LYS A 211 14.46 -30.88 15.71
N LYS A 212 15.46 -31.40 16.42
CA LYS A 212 15.25 -32.59 17.25
C LYS A 212 14.30 -32.31 18.40
N LEU A 213 14.25 -31.05 18.87
CA LEU A 213 13.36 -30.68 19.97
C LEU A 213 12.00 -30.18 19.50
N ASP A 214 11.96 -29.56 18.32
CA ASP A 214 10.70 -29.07 17.76
C ASP A 214 10.93 -28.96 16.25
N VAL A 215 10.21 -29.76 15.47
CA VAL A 215 10.44 -29.77 14.03
C VAL A 215 10.15 -28.43 13.39
N GLU A 216 9.34 -27.58 14.05
CA GLU A 216 9.07 -26.26 13.51
C GLU A 216 10.16 -25.25 13.81
N ALA A 217 11.08 -25.55 14.72
CA ALA A 217 12.14 -24.61 15.06
C ALA A 217 13.31 -24.77 14.11
N PRO A 218 13.98 -23.67 13.76
CA PRO A 218 13.66 -22.28 14.13
C PRO A 218 12.46 -21.78 13.35
N HIS A 219 11.58 -21.06 14.04
CA HIS A 219 10.40 -20.52 13.38
C HIS A 219 10.75 -19.33 12.50
N GLU A 220 11.82 -18.63 12.82
CA GLU A 220 12.31 -17.51 12.03
C GLU A 220 13.82 -17.58 12.04
N VAL A 221 14.42 -17.50 10.85
CA VAL A 221 15.86 -17.31 10.71
C VAL A 221 16.01 -15.88 10.19
N MET A 222 16.48 -14.99 11.07
N MET A 222 16.48 -15.00 11.06
CA MET A 222 16.50 -13.56 10.83
CA MET A 222 16.49 -13.57 10.79
C MET A 222 17.94 -13.13 10.57
C MET A 222 17.93 -13.12 10.57
N LEU A 223 18.17 -12.50 9.42
CA LEU A 223 19.44 -11.86 9.12
C LEU A 223 19.39 -10.41 9.57
N THR A 224 20.47 -9.94 10.20
CA THR A 224 20.70 -8.52 10.42
C THR A 224 21.76 -8.06 9.44
N ILE A 225 21.46 -6.98 8.72
CA ILE A 225 22.38 -6.34 7.80
C ILE A 225 22.29 -4.83 7.99
N ASP A 226 23.38 -4.15 7.62
CA ASP A 226 23.59 -2.73 7.87
C ASP A 226 23.50 -2.00 6.52
N ALA A 227 22.48 -1.15 6.36
CA ALA A 227 22.25 -0.49 5.08
C ALA A 227 23.42 0.41 4.68
N SER A 228 24.15 0.94 5.65
CA SER A 228 25.27 1.84 5.34
C SER A 228 26.43 1.08 4.72
N THR A 229 26.41 -0.25 4.72
CA THR A 229 27.49 -1.02 4.09
C THR A 229 27.21 -1.32 2.63
N GLY A 230 26.11 -0.79 2.08
CA GLY A 230 25.92 -0.88 0.65
C GLY A 230 25.88 -2.31 0.16
N GLN A 231 26.64 -2.59 -0.91
CA GLN A 231 26.54 -3.91 -1.52
C GLN A 231 27.05 -5.02 -0.61
N ASN A 232 27.78 -4.69 0.46
CA ASN A 232 28.14 -5.73 1.42
C ASN A 232 26.90 -6.33 2.06
N ALA A 233 25.87 -5.52 2.29
CA ALA A 233 24.63 -6.07 2.86
C ALA A 233 24.02 -7.10 1.93
N VAL A 234 24.08 -6.84 0.62
CA VAL A 234 23.51 -7.76 -0.35
C VAL A 234 24.35 -9.03 -0.42
N SER A 235 25.68 -8.90 -0.42
CA SER A 235 26.50 -10.10 -0.49
C SER A 235 26.38 -10.94 0.79
N GLN A 236 26.22 -10.30 1.94
CA GLN A 236 25.99 -11.04 3.18
C GLN A 236 24.66 -11.79 3.12
N ALA A 237 23.61 -11.12 2.67
CA ALA A 237 22.32 -11.80 2.55
C ALA A 237 22.41 -13.01 1.63
N LYS A 238 23.11 -12.88 0.51
CA LYS A 238 23.23 -13.98 -0.42
C LYS A 238 23.95 -15.16 0.23
N LEU A 239 25.03 -14.89 0.97
CA LEU A 239 25.78 -15.96 1.62
C LEU A 239 24.90 -16.74 2.58
N PHE A 240 24.20 -16.04 3.48
CA PHE A 240 23.42 -16.75 4.49
C PHE A 240 22.20 -17.42 3.88
N HIS A 241 21.57 -16.76 2.90
CA HIS A 241 20.35 -17.33 2.33
C HIS A 241 20.64 -18.58 1.52
N GLU A 242 21.71 -18.56 0.72
CA GLU A 242 22.00 -19.72 -0.11
C GLU A 242 22.50 -20.90 0.71
N ALA A 243 23.12 -20.62 1.84
CA ALA A 243 23.72 -21.66 2.67
C ALA A 243 22.78 -22.22 3.72
N VAL A 244 21.96 -21.37 4.34
CA VAL A 244 21.13 -21.77 5.46
C VAL A 244 19.64 -21.60 5.18
N GLY A 245 19.24 -20.50 4.57
CA GLY A 245 17.85 -20.21 4.30
C GLY A 245 17.28 -19.22 5.30
N LEU A 246 17.08 -17.99 4.85
CA LEU A 246 16.52 -16.93 5.65
C LEU A 246 15.00 -16.89 5.53
N THR A 247 14.34 -16.48 6.61
CA THR A 247 12.91 -16.18 6.56
C THR A 247 12.58 -14.74 6.92
N GLY A 248 13.53 -13.94 7.42
CA GLY A 248 13.29 -12.54 7.68
C GLY A 248 14.58 -11.77 7.67
N ILE A 249 14.47 -10.48 7.42
CA ILE A 249 15.60 -9.55 7.41
C ILE A 249 15.31 -8.34 8.28
N THR A 250 16.29 -7.92 9.05
CA THR A 250 16.30 -6.64 9.74
C THR A 250 17.41 -5.81 9.10
N LEU A 251 17.06 -4.64 8.61
CA LEU A 251 18.00 -3.75 7.91
C LEU A 251 18.18 -2.52 8.78
N THR A 252 19.39 -2.32 9.29
CA THR A 252 19.69 -1.25 10.22
C THR A 252 20.36 -0.05 9.52
N LYS A 253 20.48 1.04 10.27
CA LYS A 253 21.30 2.17 9.87
C LYS A 253 20.81 2.83 8.59
N LEU A 254 19.50 2.86 8.38
CA LEU A 254 18.97 3.53 7.19
C LEU A 254 19.02 5.03 7.27
N ASP A 255 19.08 5.60 8.46
CA ASP A 255 19.05 7.05 8.61
C ASP A 255 20.39 7.66 8.28
N GLY A 256 20.36 8.76 7.53
CA GLY A 256 21.57 9.47 7.19
C GLY A 256 22.43 8.86 6.09
N THR A 257 22.22 7.60 5.71
CA THR A 257 23.02 7.03 4.64
C THR A 257 22.34 7.31 3.29
N ALA A 258 23.16 7.65 2.31
CA ALA A 258 22.63 7.76 0.97
C ALA A 258 22.52 6.39 0.28
N LYS A 259 22.81 5.30 0.99
CA LYS A 259 22.80 3.97 0.38
C LYS A 259 21.51 3.22 0.68
N GLY A 260 20.46 3.94 1.12
CA GLY A 260 19.18 3.33 1.43
C GLY A 260 18.57 2.56 0.27
N GLY A 261 18.98 2.88 -0.96
CA GLY A 261 18.51 2.15 -2.13
C GLY A 261 18.82 0.67 -2.10
N VAL A 262 19.75 0.26 -1.24
CA VAL A 262 20.05 -1.15 -1.13
C VAL A 262 18.84 -1.98 -0.67
N ILE A 263 17.88 -1.37 0.02
CA ILE A 263 16.68 -2.11 0.42
C ILE A 263 15.99 -2.72 -0.80
N PHE A 264 16.04 -2.03 -1.95
CA PHE A 264 15.40 -2.55 -3.16
C PHE A 264 16.15 -3.76 -3.69
N SER A 265 17.48 -3.74 -3.60
CA SER A 265 18.28 -4.88 -4.04
C SER A 265 18.02 -6.09 -3.15
N VAL A 266 18.01 -5.88 -1.83
CA VAL A 266 17.74 -6.97 -0.90
C VAL A 266 16.35 -7.57 -1.17
N ALA A 267 15.35 -6.70 -1.31
CA ALA A 267 13.99 -7.19 -1.54
C ALA A 267 13.90 -7.97 -2.86
N ASP A 268 14.42 -7.40 -3.94
CA ASP A 268 14.25 -7.99 -5.25
C ASP A 268 15.08 -9.25 -5.43
N GLN A 269 16.31 -9.27 -4.95
CA GLN A 269 17.19 -10.40 -5.25
C GLN A 269 16.78 -11.64 -4.50
N PHE A 270 16.27 -11.50 -3.28
CA PHE A 270 16.03 -12.66 -2.44
C PHE A 270 14.57 -12.93 -2.11
N GLY A 271 13.71 -11.92 -2.11
CA GLY A 271 12.30 -12.13 -1.82
C GLY A 271 11.99 -12.54 -0.40
N ILE A 272 12.90 -12.29 0.54
CA ILE A 272 12.71 -12.62 1.94
C ILE A 272 12.03 -11.43 2.63
N PRO A 273 11.01 -11.66 3.46
CA PRO A 273 10.37 -10.53 4.17
C PRO A 273 11.37 -9.67 4.93
N ILE A 274 11.21 -8.36 4.80
CA ILE A 274 11.92 -7.40 5.62
C ILE A 274 11.02 -7.13 6.82
N ARG A 275 11.47 -7.56 7.99
CA ARG A 275 10.66 -7.52 9.20
C ARG A 275 10.76 -6.18 9.91
N TYR A 276 11.97 -5.63 10.00
CA TYR A 276 12.24 -4.42 10.76
C TYR A 276 13.26 -3.59 10.03
N ILE A 277 13.13 -2.27 10.20
CA ILE A 277 14.13 -1.32 9.74
C ILE A 277 14.56 -0.45 10.90
N GLY A 278 15.88 -0.18 10.96
CA GLY A 278 16.45 0.69 11.95
C GLY A 278 16.68 2.08 11.38
N VAL A 279 16.09 3.09 12.04
CA VAL A 279 16.19 4.49 11.62
C VAL A 279 16.82 5.35 12.71
N GLY A 280 17.49 4.71 13.65
CA GLY A 280 18.18 5.40 14.73
C GLY A 280 18.70 4.34 15.66
N GLU A 281 19.35 4.80 16.72
CA GLU A 281 20.05 3.89 17.64
C GLU A 281 19.20 3.42 18.80
N ARG A 282 18.07 4.06 19.08
CA ARG A 282 17.29 3.71 20.25
C ARG A 282 16.42 2.48 19.99
N ILE A 283 15.94 1.88 21.07
CA ILE A 283 14.98 0.78 20.97
C ILE A 283 13.80 1.18 20.08
N GLU A 284 13.25 2.37 20.31
CA GLU A 284 12.08 2.80 19.58
C GLU A 284 12.36 3.08 18.11
N ASP A 285 13.63 3.20 17.72
CA ASP A 285 13.99 3.48 16.34
C ASP A 285 14.10 2.21 15.50
N LEU A 286 13.93 1.04 16.10
CA LEU A 286 13.83 -0.23 15.37
C LEU A 286 12.35 -0.48 15.12
N ARG A 287 11.93 -0.21 13.91
CA ARG A 287 10.52 -0.14 13.56
C ARG A 287 10.09 -1.34 12.74
N PRO A 288 8.89 -1.87 12.94
CA PRO A 288 8.36 -2.84 11.99
C PRO A 288 8.32 -2.22 10.60
N PHE A 289 8.76 -2.99 9.61
CA PHE A 289 8.83 -2.48 8.25
C PHE A 289 7.43 -2.44 7.63
N LYS A 290 7.08 -1.28 7.08
CA LYS A 290 5.84 -1.08 6.34
C LYS A 290 6.22 -0.53 4.97
N ALA A 291 6.11 -1.37 3.94
CA ALA A 291 6.59 -1.00 2.62
C ALA A 291 5.87 0.22 2.07
N ASP A 292 4.58 0.32 2.35
CA ASP A 292 3.81 1.45 1.82
C ASP A 292 4.21 2.76 2.50
N ASP A 293 4.44 2.74 3.81
CA ASP A 293 4.99 3.92 4.48
C ASP A 293 6.33 4.30 3.88
N PHE A 294 7.18 3.31 3.64
CA PHE A 294 8.52 3.57 3.12
C PHE A 294 8.44 4.23 1.75
N ILE A 295 7.64 3.68 0.85
CA ILE A 295 7.53 4.24 -0.50
C ILE A 295 6.91 5.61 -0.45
N GLU A 296 5.89 5.80 0.39
CA GLU A 296 5.24 7.10 0.46
C GLU A 296 6.19 8.17 0.95
N ALA A 297 7.03 7.83 1.95
CA ALA A 297 8.04 8.76 2.42
C ALA A 297 9.06 9.05 1.33
N LEU A 298 9.52 8.01 0.64
CA LEU A 298 10.56 8.20 -0.35
C LEU A 298 10.08 9.07 -1.50
N PHE A 299 8.84 8.88 -1.95
CA PHE A 299 8.31 9.55 -3.14
C PHE A 299 7.48 10.79 -2.81
N ALA A 300 7.35 11.16 -1.54
CA ALA A 300 6.61 12.35 -1.16
C ALA A 300 7.15 13.57 -1.86
N ARG A 301 6.23 14.38 -2.41
CA ARG A 301 6.56 15.60 -3.16
C ARG A 301 5.58 16.70 -2.80
N GLY B 1 1.33 -6.34 5.27
CA GLY B 1 1.16 -5.57 4.05
C GLY B 1 -0.03 -4.61 4.11
N PHE B 2 0.01 -3.63 3.22
CA PHE B 2 -1.11 -2.68 3.02
C PHE B 2 -1.50 -1.98 4.32
N ALA B 3 -0.51 -1.65 5.15
CA ALA B 3 -0.82 -1.06 6.46
C ALA B 3 -1.57 0.28 6.31
N ARG B 4 -1.19 1.09 5.31
CA ARG B 4 -1.85 2.39 5.15
C ARG B 4 -3.32 2.22 4.79
N LEU B 5 -3.64 1.31 3.87
CA LEU B 5 -5.04 1.12 3.50
C LEU B 5 -5.81 0.43 4.62
N LYS B 6 -5.16 -0.46 5.38
CA LYS B 6 -5.82 -1.06 6.53
C LYS B 6 -6.21 0.01 7.54
N ARG B 7 -5.33 0.98 7.77
CA ARG B 7 -5.66 2.07 8.69
C ARG B 7 -6.82 2.91 8.14
N SER B 8 -6.80 3.21 6.83
CA SER B 8 -7.91 3.95 6.26
C SER B 8 -9.23 3.20 6.41
N LEU B 9 -9.19 1.87 6.36
CA LEU B 9 -10.38 1.02 6.39
C LEU B 9 -10.71 0.50 7.78
N LEU B 10 -10.09 1.06 8.81
CA LEU B 10 -10.25 0.51 10.15
C LEU B 10 -11.72 0.38 10.57
N LYS B 11 -12.49 1.45 10.42
CA LYS B 11 -13.89 1.38 10.84
C LYS B 11 -14.69 0.41 9.99
N THR B 12 -14.39 0.32 8.69
CA THR B 12 -15.08 -0.62 7.81
C THR B 12 -14.73 -2.07 8.14
N LYS B 13 -13.50 -2.33 8.57
CA LYS B 13 -13.07 -3.68 8.92
C LYS B 13 -13.74 -4.20 10.18
N GLU B 14 -14.45 -3.36 10.93
CA GLU B 14 -15.22 -3.85 12.07
C GLU B 14 -16.36 -4.77 11.65
N ASN B 15 -16.93 -4.55 10.47
CA ASN B 15 -18.09 -5.32 10.01
C ASN B 15 -17.81 -6.17 8.78
N LEU B 16 -16.82 -5.81 7.97
CA LEU B 16 -16.52 -6.54 6.74
C LEU B 16 -15.09 -7.05 6.75
N GLY B 17 -14.85 -8.05 5.92
CA GLY B 17 -13.50 -8.58 5.79
C GLY B 17 -13.05 -9.26 7.06
N SER B 18 -11.98 -8.75 7.66
CA SER B 18 -11.52 -9.30 8.93
C SER B 18 -12.59 -9.23 9.99
N GLY B 19 -13.55 -8.33 9.86
CA GLY B 19 -14.68 -8.28 10.77
C GLY B 19 -15.53 -9.53 10.75
N PHE B 20 -15.41 -10.35 9.69
CA PHE B 20 -16.16 -11.60 9.63
C PHE B 20 -15.56 -12.67 10.54
N ILE B 21 -14.30 -12.54 10.95
CA ILE B 21 -13.63 -13.61 11.67
C ILE B 21 -14.35 -13.91 12.99
N SER B 22 -14.66 -12.86 13.76
CA SER B 22 -15.34 -13.06 15.04
C SER B 22 -16.77 -13.54 14.85
N LEU B 23 -17.40 -13.19 13.72
CA LEU B 23 -18.75 -13.64 13.43
C LEU B 23 -18.79 -15.13 13.20
N PHE B 24 -17.80 -15.67 12.48
CA PHE B 24 -17.80 -17.08 12.15
C PHE B 24 -17.21 -17.95 13.24
N ARG B 25 -16.45 -17.37 14.17
CA ARG B 25 -15.69 -18.16 15.12
C ARG B 25 -16.60 -19.14 15.89
N GLY B 26 -16.28 -20.42 15.80
CA GLY B 26 -16.96 -21.44 16.59
C GLY B 26 -18.36 -21.78 16.13
N LYS B 27 -18.83 -21.26 15.00
CA LYS B 27 -20.20 -21.49 14.58
C LYS B 27 -20.27 -22.55 13.48
N LYS B 28 -21.44 -23.17 13.36
CA LYS B 28 -21.70 -24.07 12.25
C LYS B 28 -22.41 -23.34 11.11
N ILE B 29 -22.37 -23.96 9.94
CA ILE B 29 -23.00 -23.41 8.75
C ILE B 29 -24.44 -23.89 8.72
N ASP B 30 -25.37 -22.98 8.92
CA ASP B 30 -26.80 -23.28 8.88
C ASP B 30 -27.55 -22.00 8.53
N ASP B 31 -28.87 -22.11 8.49
CA ASP B 31 -29.69 -20.96 8.10
C ASP B 31 -29.46 -19.79 9.05
N ASP B 32 -29.29 -20.07 10.35
CA ASP B 32 -29.08 -19.00 11.32
C ASP B 32 -27.81 -18.23 11.01
N LEU B 33 -26.74 -18.93 10.62
CA LEU B 33 -25.49 -18.25 10.31
C LEU B 33 -25.66 -17.34 9.10
N PHE B 34 -26.27 -17.84 8.04
CA PHE B 34 -26.46 -17.03 6.85
C PHE B 34 -27.38 -15.85 7.13
N GLU B 35 -28.35 -16.00 8.02
CA GLU B 35 -29.19 -14.85 8.37
C GLU B 35 -28.38 -13.79 9.10
N GLU B 36 -27.53 -14.19 10.04
CA GLU B 36 -26.68 -13.23 10.73
C GLU B 36 -25.71 -12.55 9.76
N LEU B 37 -25.12 -13.31 8.84
CA LEU B 37 -24.20 -12.74 7.87
C LEU B 37 -24.92 -11.76 6.94
N GLU B 38 -26.11 -12.13 6.49
CA GLU B 38 -26.90 -11.20 5.68
C GLU B 38 -27.11 -9.89 6.42
N GLU B 39 -27.53 -9.97 7.70
CA GLU B 39 -27.74 -8.75 8.47
C GLU B 39 -26.47 -7.92 8.54
N GLN B 40 -25.32 -8.56 8.74
CA GLN B 40 -24.09 -7.80 8.88
C GLN B 40 -23.72 -7.10 7.56
N LEU B 41 -23.91 -7.80 6.44
CA LEU B 41 -23.64 -7.17 5.13
C LEU B 41 -24.56 -5.97 4.93
N LEU B 42 -25.83 -6.08 5.31
CA LEU B 42 -26.75 -4.97 5.12
C LEU B 42 -26.39 -3.80 6.03
N ILE B 43 -26.03 -4.07 7.28
CA ILE B 43 -25.61 -3.00 8.18
C ILE B 43 -24.38 -2.30 7.64
N ALA B 44 -23.53 -3.03 6.92
CA ALA B 44 -22.33 -2.47 6.31
C ALA B 44 -22.60 -1.70 5.01
N ASP B 45 -23.87 -1.57 4.62
CA ASP B 45 -24.30 -0.83 3.42
C ASP B 45 -23.96 -1.53 2.11
N VAL B 46 -23.87 -2.86 2.12
CA VAL B 46 -23.65 -3.62 0.89
C VAL B 46 -24.87 -3.63 -0.01
N GLY B 47 -26.04 -3.42 0.53
CA GLY B 47 -27.25 -3.30 -0.27
C GLY B 47 -27.96 -4.61 -0.45
N VAL B 48 -29.28 -4.52 -0.61
CA VAL B 48 -30.12 -5.73 -0.60
C VAL B 48 -29.75 -6.66 -1.76
N GLU B 49 -29.64 -6.13 -2.98
CA GLU B 49 -29.44 -6.99 -4.16
C GLU B 49 -28.06 -7.62 -4.15
N THR B 50 -27.03 -6.85 -3.82
CA THR B 50 -25.68 -7.39 -3.81
C THR B 50 -25.52 -8.40 -2.68
N THR B 51 -26.12 -8.11 -1.51
CA THR B 51 -26.07 -9.04 -0.41
C THR B 51 -26.75 -10.35 -0.76
N ARG B 52 -27.91 -10.28 -1.42
CA ARG B 52 -28.61 -11.50 -1.83
C ARG B 52 -27.74 -12.36 -2.74
N LYS B 53 -27.04 -11.72 -3.68
CA LYS B 53 -26.17 -12.46 -4.58
C LYS B 53 -25.04 -13.14 -3.81
N ILE B 54 -24.39 -12.41 -2.92
CA ILE B 54 -23.29 -12.97 -2.13
C ILE B 54 -23.79 -14.16 -1.33
N ILE B 55 -24.93 -14.01 -0.65
CA ILE B 55 -25.44 -15.09 0.20
C ILE B 55 -25.82 -16.31 -0.64
N THR B 56 -26.49 -16.09 -1.77
CA THR B 56 -26.89 -17.20 -2.62
C THR B 56 -25.66 -17.99 -3.07
N ASN B 57 -24.63 -17.28 -3.54
CA ASN B 57 -23.44 -17.95 -4.07
C ASN B 57 -22.63 -18.59 -2.95
N LEU B 58 -22.55 -17.95 -1.79
CA LEU B 58 -21.82 -18.52 -0.68
C LEU B 58 -22.51 -19.78 -0.16
N THR B 59 -23.83 -19.75 -0.03
CA THR B 59 -24.59 -20.91 0.44
C THR B 59 -24.37 -22.10 -0.48
N GLU B 60 -24.47 -21.89 -1.79
CA GLU B 60 -24.33 -23.00 -2.71
C GLU B 60 -22.91 -23.53 -2.70
N GLY B 61 -21.92 -22.63 -2.61
CA GLY B 61 -20.53 -23.07 -2.58
C GLY B 61 -20.21 -23.86 -1.33
N ALA B 62 -20.73 -23.43 -0.18
CA ALA B 62 -20.49 -24.16 1.06
C ALA B 62 -21.13 -25.54 1.01
N SER B 63 -22.36 -25.62 0.48
CA SER B 63 -23.06 -26.89 0.40
C SER B 63 -22.36 -27.84 -0.55
N ARG B 64 -21.96 -27.35 -1.73
CA ARG B 64 -21.36 -28.22 -2.73
C ARG B 64 -20.02 -28.77 -2.26
N LYS B 65 -19.24 -27.95 -1.54
CA LYS B 65 -17.98 -28.40 -0.97
C LYS B 65 -18.16 -29.11 0.37
N GLN B 66 -19.40 -29.23 0.85
CA GLN B 66 -19.71 -29.91 2.10
C GLN B 66 -18.92 -29.33 3.27
N LEU B 67 -18.93 -28.00 3.37
CA LEU B 67 -18.24 -27.33 4.46
C LEU B 67 -19.04 -27.48 5.75
N ARG B 68 -18.32 -27.68 6.84
CA ARG B 68 -18.92 -27.92 8.15
C ARG B 68 -18.82 -26.70 9.06
N ASP B 69 -17.66 -26.08 9.13
CA ASP B 69 -17.40 -25.01 10.09
C ASP B 69 -17.55 -23.65 9.40
N ALA B 70 -18.18 -22.71 10.09
CA ALA B 70 -18.37 -21.38 9.53
C ALA B 70 -17.06 -20.68 9.22
N GLU B 71 -15.98 -21.01 9.93
CA GLU B 71 -14.68 -20.40 9.66
C GLU B 71 -14.28 -20.56 8.21
N ALA B 72 -14.67 -21.67 7.58
CA ALA B 72 -14.30 -21.92 6.19
C ALA B 72 -15.01 -20.98 5.22
N LEU B 73 -16.09 -20.34 5.64
CA LEU B 73 -16.75 -19.39 4.75
C LEU B 73 -15.89 -18.17 4.46
N TYR B 74 -14.89 -17.90 5.31
CA TYR B 74 -14.11 -16.68 5.17
C TYR B 74 -13.42 -16.60 3.81
N GLY B 75 -12.73 -17.66 3.40
CA GLY B 75 -12.03 -17.63 2.15
C GLY B 75 -12.96 -17.55 0.96
N LEU B 76 -14.12 -18.20 1.06
CA LEU B 76 -15.10 -18.14 -0.02
C LEU B 76 -15.64 -16.72 -0.17
N LEU B 77 -15.89 -16.06 0.95
CA LEU B 77 -16.37 -14.69 0.94
C LEU B 77 -15.32 -13.75 0.36
N LYS B 78 -14.06 -13.96 0.71
CA LYS B 78 -12.99 -13.15 0.14
C LYS B 78 -12.97 -13.28 -1.37
N GLU B 79 -13.15 -14.49 -1.88
CA GLU B 79 -13.19 -14.70 -3.33
C GLU B 79 -14.40 -14.01 -3.96
N GLU B 80 -15.57 -14.17 -3.34
CA GLU B 80 -16.78 -13.61 -3.94
C GLU B 80 -16.73 -12.09 -3.95
N MET B 81 -16.36 -11.49 -2.82
CA MET B 81 -16.29 -10.04 -2.74
C MET B 81 -15.11 -9.48 -3.51
N GLY B 82 -14.00 -10.23 -3.56
CA GLY B 82 -12.87 -9.82 -4.37
C GLY B 82 -13.19 -9.76 -5.85
N GLU B 83 -13.99 -10.71 -6.35
CA GLU B 83 -14.38 -10.70 -7.76
C GLU B 83 -15.26 -9.50 -8.07
N ILE B 84 -16.16 -9.13 -7.16
CA ILE B 84 -17.00 -7.95 -7.35
C ILE B 84 -16.14 -6.73 -7.63
N LEU B 85 -15.09 -6.55 -6.85
CA LEU B 85 -14.25 -5.38 -7.03
C LEU B 85 -13.30 -5.50 -8.22
N ALA B 86 -12.78 -6.69 -8.48
CA ALA B 86 -11.86 -6.87 -9.59
C ALA B 86 -12.54 -6.52 -10.91
N LYS B 87 -13.85 -6.73 -11.01
CA LYS B 87 -14.59 -6.44 -12.23
C LYS B 87 -14.66 -4.95 -12.54
N VAL B 88 -14.40 -4.07 -11.57
CA VAL B 88 -14.43 -2.62 -11.79
C VAL B 88 -13.06 -1.98 -11.57
N ASP B 89 -12.00 -2.77 -11.65
CA ASP B 89 -10.64 -2.28 -11.55
C ASP B 89 -10.16 -1.95 -12.96
N GLU B 90 -10.02 -0.67 -13.24
CA GLU B 90 -9.49 -0.22 -14.53
C GLU B 90 -9.11 1.24 -14.37
N PRO B 91 -7.82 1.55 -14.27
CA PRO B 91 -7.42 2.95 -14.07
C PRO B 91 -7.76 3.81 -15.27
N LEU B 92 -7.97 5.09 -14.99
CA LEU B 92 -8.25 6.08 -16.01
C LEU B 92 -6.97 6.45 -16.76
N ASN B 93 -7.04 6.39 -18.09
CA ASN B 93 -5.95 6.77 -18.98
C ASN B 93 -6.35 8.06 -19.70
N VAL B 94 -5.66 9.15 -19.40
CA VAL B 94 -5.98 10.46 -19.99
C VAL B 94 -5.00 10.85 -21.10
N GLU B 95 -4.17 9.93 -21.57
CA GLU B 95 -3.12 10.29 -22.51
C GLU B 95 -3.66 10.53 -23.91
N GLY B 96 -2.96 11.38 -24.66
CA GLY B 96 -3.07 11.38 -26.10
C GLY B 96 -4.22 12.12 -26.71
N LYS B 97 -4.90 13.01 -25.96
CA LYS B 97 -5.98 13.81 -26.51
C LYS B 97 -5.72 15.29 -26.32
N ALA B 98 -6.45 16.13 -27.06
CA ALA B 98 -6.11 17.54 -27.23
C ALA B 98 -7.36 18.40 -27.22
N PRO B 99 -8.00 18.56 -26.07
CA PRO B 99 -7.71 17.94 -24.77
C PRO B 99 -8.48 16.65 -24.54
N PHE B 100 -8.05 15.89 -23.55
CA PHE B 100 -8.89 14.85 -22.94
C PHE B 100 -9.90 15.56 -22.04
N VAL B 101 -11.18 15.35 -22.30
CA VAL B 101 -12.25 16.04 -21.59
C VAL B 101 -12.84 15.10 -20.54
N ILE B 102 -12.78 15.51 -19.28
CA ILE B 102 -13.45 14.81 -18.18
C ILE B 102 -14.65 15.65 -17.77
N LEU B 103 -15.84 15.09 -17.89
CA LEU B 103 -17.05 15.72 -17.39
C LEU B 103 -17.30 15.18 -15.99
N MET B 104 -17.21 16.05 -14.98
CA MET B 104 -17.38 15.66 -13.59
C MET B 104 -18.84 15.88 -13.20
N VAL B 105 -19.52 14.78 -12.88
CA VAL B 105 -20.92 14.83 -12.49
C VAL B 105 -21.06 14.31 -11.07
N GLY B 106 -22.19 14.64 -10.47
CA GLY B 106 -22.50 14.22 -9.13
C GLY B 106 -23.19 15.30 -8.36
N VAL B 107 -23.68 14.96 -7.18
CA VAL B 107 -24.35 15.96 -6.37
C VAL B 107 -23.30 16.91 -5.81
N ASN B 108 -23.74 18.10 -5.48
CA ASN B 108 -22.85 19.09 -4.89
C ASN B 108 -22.30 18.56 -3.58
N GLY B 109 -20.99 18.70 -3.42
N GLY B 109 -21.00 18.72 -3.38
CA GLY B 109 -20.38 18.23 -2.20
CA GLY B 109 -20.44 18.49 -2.05
C GLY B 109 -18.89 18.52 -2.19
C GLY B 109 -20.41 17.05 -1.56
N VAL B 110 -18.32 18.46 -0.99
N VAL B 110 -19.98 16.12 -2.40
CA VAL B 110 -16.90 18.70 -0.85
CA VAL B 110 -19.73 14.74 -1.98
C VAL B 110 -16.11 17.64 -1.59
C VAL B 110 -18.27 14.41 -2.24
N GLY B 111 -16.65 16.43 -1.70
N GLY B 111 -17.39 15.39 -2.03
CA GLY B 111 -15.96 15.39 -2.44
CA GLY B 111 -16.01 15.25 -2.47
C GLY B 111 -15.75 15.75 -3.90
C GLY B 111 -15.77 15.70 -3.89
N LYS B 112 -16.81 16.18 -4.57
CA LYS B 112 -16.68 16.50 -5.99
C LYS B 112 -15.72 17.67 -6.19
N THR B 113 -15.91 18.74 -5.43
CA THR B 113 -15.06 19.92 -5.56
C THR B 113 -13.60 19.58 -5.29
N THR B 114 -13.36 18.84 -4.21
CA THR B 114 -12.01 18.47 -3.83
C THR B 114 -11.39 17.54 -4.87
N THR B 115 -12.19 16.62 -5.42
CA THR B 115 -11.67 15.67 -6.41
C THR B 115 -11.19 16.38 -7.66
N ILE B 116 -11.93 17.41 -8.11
CA ILE B 116 -11.47 18.16 -9.28
C ILE B 116 -10.08 18.72 -9.03
N GLY B 117 -9.88 19.34 -7.87
CA GLY B 117 -8.59 19.95 -7.58
C GLY B 117 -7.48 18.92 -7.46
N LYS B 118 -7.75 17.81 -6.78
CA LYS B 118 -6.71 16.79 -6.63
C LYS B 118 -6.33 16.19 -7.97
N LEU B 119 -7.31 15.87 -8.82
CA LEU B 119 -6.98 15.33 -10.13
C LEU B 119 -6.18 16.34 -10.95
N ALA B 120 -6.57 17.61 -10.89
CA ALA B 120 -5.85 18.63 -11.63
C ALA B 120 -4.40 18.67 -11.20
N ARG B 121 -4.15 18.67 -9.89
CA ARG B 121 -2.78 18.70 -9.41
C ARG B 121 -2.02 17.43 -9.80
N GLN B 122 -2.66 16.26 -9.72
CA GLN B 122 -1.98 15.04 -10.12
C GLN B 122 -1.60 15.08 -11.60
N PHE B 123 -2.51 15.52 -12.46
CA PHE B 123 -2.19 15.58 -13.88
C PHE B 123 -1.04 16.55 -14.15
N GLU B 124 -1.00 17.67 -13.44
CA GLU B 124 0.11 18.61 -13.60
C GLU B 124 1.42 17.97 -13.16
N GLN B 125 1.41 17.23 -12.06
CA GLN B 125 2.62 16.54 -11.62
C GLN B 125 3.07 15.50 -12.64
N GLN B 126 2.15 14.98 -13.45
CA GLN B 126 2.46 14.03 -14.51
C GLN B 126 2.92 14.73 -15.78
N GLY B 127 3.07 16.06 -15.77
CA GLY B 127 3.57 16.80 -16.90
C GLY B 127 2.51 17.34 -17.83
N LYS B 128 1.23 17.22 -17.47
CA LYS B 128 0.14 17.67 -18.32
C LYS B 128 -0.28 19.10 -17.98
N SER B 129 -0.72 19.82 -19.00
CA SER B 129 -1.36 21.10 -18.79
C SER B 129 -2.85 20.86 -18.59
N VAL B 130 -3.41 21.53 -17.59
CA VAL B 130 -4.79 21.33 -17.20
C VAL B 130 -5.54 22.65 -17.32
N MET B 131 -6.84 22.55 -17.61
CA MET B 131 -7.76 23.67 -17.57
C MET B 131 -9.06 23.19 -16.95
N LEU B 132 -9.75 24.09 -16.22
CA LEU B 132 -11.02 23.79 -15.58
C LEU B 132 -12.12 24.63 -16.21
N ALA B 133 -13.31 24.05 -16.28
CA ALA B 133 -14.50 24.75 -16.74
C ALA B 133 -15.50 24.83 -15.58
N ALA B 134 -15.93 26.04 -15.27
CA ALA B 134 -16.85 26.29 -14.15
C ALA B 134 -18.30 26.15 -14.63
N GLY B 135 -18.70 24.91 -14.86
CA GLY B 135 -20.00 24.63 -15.41
C GLY B 135 -21.16 24.62 -14.41
N ASP B 136 -20.93 24.81 -13.11
CA ASP B 136 -22.00 24.91 -12.11
C ASP B 136 -22.46 26.37 -12.02
N THR B 137 -23.13 26.80 -13.08
CA THR B 137 -23.17 28.23 -13.42
C THR B 137 -24.13 29.07 -12.58
N PHE B 138 -25.11 28.46 -11.89
CA PHE B 138 -26.05 29.21 -11.07
C PHE B 138 -25.64 29.30 -9.62
N ARG B 139 -24.54 28.68 -9.22
CA ARG B 139 -24.05 28.72 -7.85
C ARG B 139 -22.86 29.67 -7.86
N ALA B 140 -23.14 30.96 -7.65
CA ALA B 140 -22.09 31.96 -7.78
C ALA B 140 -20.94 31.72 -6.82
N ALA B 141 -21.25 31.25 -5.62
CA ALA B 141 -20.17 31.00 -4.67
C ALA B 141 -19.30 29.83 -5.11
N ALA B 142 -19.90 28.79 -5.69
CA ALA B 142 -19.13 27.66 -6.18
C ALA B 142 -18.24 28.07 -7.34
N VAL B 143 -18.74 28.92 -8.23
CA VAL B 143 -17.92 29.40 -9.34
C VAL B 143 -16.75 30.22 -8.82
N GLU B 144 -17.02 31.16 -7.92
CA GLU B 144 -15.93 31.99 -7.41
C GLU B 144 -14.90 31.15 -6.67
N GLN B 145 -15.36 30.14 -5.92
CA GLN B 145 -14.41 29.26 -5.24
C GLN B 145 -13.49 28.55 -6.23
N LEU B 146 -14.05 28.06 -7.33
CA LEU B 146 -13.22 27.41 -8.34
C LEU B 146 -12.23 28.40 -8.96
N GLN B 147 -12.69 29.62 -9.21
CA GLN B 147 -11.77 30.62 -9.74
C GLN B 147 -10.66 30.96 -8.76
N VAL B 148 -10.99 31.05 -7.47
CA VAL B 148 -9.97 31.29 -6.45
C VAL B 148 -8.96 30.15 -6.44
N TRP B 149 -9.45 28.91 -6.48
CA TRP B 149 -8.57 27.74 -6.49
C TRP B 149 -7.65 27.78 -7.71
N GLY B 150 -8.19 28.08 -8.87
CA GLY B 150 -7.35 28.15 -10.06
C GLY B 150 -6.31 29.23 -9.96
N GLN B 151 -6.69 30.38 -9.39
CA GLN B 151 -5.72 31.47 -9.26
C GLN B 151 -4.61 31.08 -8.29
N ARG B 152 -4.94 30.37 -7.22
CA ARG B 152 -3.92 30.01 -6.24
C ARG B 152 -3.00 28.92 -6.76
N ASN B 153 -3.45 28.12 -7.73
CA ASN B 153 -2.67 27.01 -8.26
C ASN B 153 -2.19 27.28 -9.69
N ASN B 154 -2.42 28.49 -10.20
CA ASN B 154 -2.01 28.88 -11.53
C ASN B 154 -2.49 27.88 -12.58
N ILE B 155 -3.76 27.50 -12.46
CA ILE B 155 -4.45 26.66 -13.43
C ILE B 155 -5.60 27.47 -14.00
N PRO B 156 -5.74 27.57 -15.33
CA PRO B 156 -6.80 28.42 -15.90
C PRO B 156 -8.18 27.85 -15.64
N VAL B 157 -9.11 28.76 -15.37
CA VAL B 157 -10.50 28.44 -15.10
C VAL B 157 -11.35 29.25 -16.05
N ILE B 158 -12.19 28.57 -16.83
CA ILE B 158 -13.11 29.22 -17.76
C ILE B 158 -14.46 29.35 -17.06
N ALA B 159 -14.99 30.57 -16.98
CA ALA B 159 -16.24 30.82 -16.29
C ALA B 159 -16.97 31.96 -16.99
N GLN B 160 -18.28 31.99 -16.82
CA GLN B 160 -19.09 33.10 -17.31
C GLN B 160 -19.97 33.60 -16.16
N HIS B 161 -20.82 34.58 -16.47
CA HIS B 161 -21.65 35.20 -15.45
C HIS B 161 -22.59 34.21 -14.78
N THR B 162 -23.01 34.58 -13.58
CA THR B 162 -23.97 33.75 -12.85
C THR B 162 -25.22 33.55 -13.69
N GLY B 163 -25.63 32.29 -13.83
CA GLY B 163 -26.78 31.96 -14.63
C GLY B 163 -26.50 31.72 -16.08
N ALA B 164 -25.23 31.74 -16.48
CA ALA B 164 -24.88 31.45 -17.86
C ALA B 164 -25.29 30.02 -18.20
N ASP B 165 -25.39 29.74 -19.49
CA ASP B 165 -25.72 28.38 -19.92
C ASP B 165 -24.51 27.48 -19.73
N SER B 166 -24.69 26.40 -18.95
CA SER B 166 -23.60 25.49 -18.65
C SER B 166 -22.99 24.88 -19.92
N ALA B 167 -23.82 24.51 -20.89
CA ALA B 167 -23.29 23.91 -22.10
C ALA B 167 -22.43 24.88 -22.87
N SER B 168 -22.79 26.18 -22.86
CA SER B 168 -21.99 27.21 -23.53
C SER B 168 -20.66 27.46 -22.80
N VAL B 169 -20.68 27.46 -21.47
CA VAL B 169 -19.43 27.62 -20.73
C VAL B 169 -18.47 26.49 -21.07
N ILE B 170 -18.97 25.27 -21.08
CA ILE B 170 -18.11 24.12 -21.31
C ILE B 170 -17.65 24.07 -22.76
N PHE B 171 -18.51 24.42 -23.71
CA PHE B 171 -18.12 24.54 -25.11
C PHE B 171 -16.99 25.55 -25.27
N ASP B 172 -17.14 26.73 -24.67
CA ASP B 172 -16.11 27.75 -24.75
C ASP B 172 -14.82 27.26 -24.11
N ALA B 173 -14.93 26.48 -23.04
CA ALA B 173 -13.74 25.96 -22.39
C ALA B 173 -13.01 24.95 -23.29
N ILE B 174 -13.75 24.07 -23.96
CA ILE B 174 -13.10 23.13 -24.88
C ILE B 174 -12.42 23.89 -26.01
N GLN B 175 -13.06 24.94 -26.54
CA GLN B 175 -12.42 25.75 -27.57
C GLN B 175 -11.13 26.38 -27.05
N ALA B 176 -11.17 26.95 -25.84
CA ALA B 176 -9.98 27.56 -25.27
C ALA B 176 -8.90 26.53 -25.03
N ALA B 177 -9.29 25.34 -24.54
CA ALA B 177 -8.32 24.27 -24.29
C ALA B 177 -7.63 23.84 -25.59
N LYS B 178 -8.39 23.70 -26.68
CA LYS B 178 -7.79 23.35 -27.95
C LYS B 178 -6.85 24.45 -28.42
N ALA B 179 -7.27 25.70 -28.29
CA ALA B 179 -6.45 26.81 -28.77
C ALA B 179 -5.15 26.94 -27.99
N ARG B 180 -5.14 26.54 -26.73
CA ARG B 180 -4.04 26.77 -25.81
C ARG B 180 -3.24 25.50 -25.50
N ASN B 181 -3.42 24.45 -26.30
CA ASN B 181 -2.61 23.24 -26.19
C ASN B 181 -2.77 22.56 -24.83
N ILE B 182 -3.97 22.59 -24.29
CA ILE B 182 -4.27 21.95 -23.02
C ILE B 182 -4.39 20.44 -23.19
N ASP B 183 -3.79 19.69 -22.27
CA ASP B 183 -3.84 18.22 -22.30
C ASP B 183 -5.11 17.66 -21.69
N VAL B 184 -5.60 18.26 -20.61
CA VAL B 184 -6.77 17.73 -19.89
C VAL B 184 -7.65 18.90 -19.51
N LEU B 185 -8.93 18.81 -19.88
CA LEU B 185 -9.94 19.77 -19.47
C LEU B 185 -10.89 19.05 -18.52
N ILE B 186 -11.03 19.58 -17.32
CA ILE B 186 -11.94 19.04 -16.32
C ILE B 186 -13.11 20.01 -16.20
N ALA B 187 -14.29 19.52 -16.51
CA ALA B 187 -15.49 20.36 -16.53
C ALA B 187 -16.36 20.02 -15.32
N ASP B 188 -16.51 21.00 -14.43
CA ASP B 188 -17.47 20.91 -13.35
C ASP B 188 -18.87 21.10 -13.90
N THR B 189 -19.85 20.56 -13.19
CA THR B 189 -21.25 20.66 -13.56
C THR B 189 -22.09 20.91 -12.32
N ALA B 190 -23.33 21.34 -12.54
CA ALA B 190 -24.27 21.51 -11.46
C ALA B 190 -24.62 20.17 -10.84
N GLY B 191 -24.98 20.18 -9.57
CA GLY B 191 -25.27 18.97 -8.83
C GLY B 191 -26.43 19.11 -7.88
N ARG B 192 -27.41 19.91 -8.29
CA ARG B 192 -28.61 20.10 -7.50
C ARG B 192 -29.58 18.96 -7.83
N LEU B 193 -30.04 18.25 -6.80
CA LEU B 193 -31.03 17.20 -6.96
C LEU B 193 -32.48 17.67 -6.78
N GLN B 194 -32.72 18.96 -6.59
CA GLN B 194 -34.09 19.41 -6.31
C GLN B 194 -35.03 19.18 -7.50
N ASN B 195 -34.56 19.42 -8.72
CA ASN B 195 -35.38 19.18 -9.92
C ASN B 195 -34.60 18.22 -10.80
N LYS B 196 -34.83 16.93 -10.60
CA LYS B 196 -33.98 15.91 -11.21
C LYS B 196 -34.03 15.93 -12.73
N SER B 197 -35.22 16.00 -13.29
CA SER B 197 -35.36 15.98 -14.74
C SER B 197 -34.64 17.17 -15.37
N HIS B 198 -34.70 18.34 -14.71
CA HIS B 198 -34.01 19.51 -15.21
C HIS B 198 -32.50 19.27 -15.25
N LEU B 199 -31.95 18.73 -14.16
CA LEU B 199 -30.51 18.48 -14.13
C LEU B 199 -30.11 17.51 -15.23
N MET B 200 -30.87 16.44 -15.42
CA MET B 200 -30.47 15.46 -16.42
C MET B 200 -30.57 16.04 -17.83
N GLU B 201 -31.58 16.88 -18.11
CA GLU B 201 -31.64 17.54 -19.42
C GLU B 201 -30.46 18.49 -19.61
N GLU B 202 -30.03 19.17 -18.54
CA GLU B 202 -28.86 20.03 -18.62
C GLU B 202 -27.61 19.22 -18.97
N LEU B 203 -27.42 18.09 -18.32
CA LEU B 203 -26.25 17.27 -18.61
C LEU B 203 -26.29 16.73 -20.03
N LYS B 204 -27.45 16.29 -20.49
CA LYS B 204 -27.55 15.80 -21.86
C LYS B 204 -27.22 16.90 -22.87
N LYS B 205 -27.63 18.14 -22.60
CA LYS B 205 -27.31 19.25 -23.48
C LYS B 205 -25.80 19.52 -23.52
N ILE B 206 -25.15 19.51 -22.35
CA ILE B 206 -23.71 19.70 -22.30
C ILE B 206 -23.01 18.72 -23.23
N VAL B 207 -23.40 17.44 -23.14
CA VAL B 207 -22.76 16.40 -23.93
C VAL B 207 -23.00 16.60 -25.42
N ARG B 208 -24.26 16.91 -25.81
CA ARG B 208 -24.56 17.11 -27.22
C ARG B 208 -23.75 18.26 -27.82
N VAL B 209 -23.64 19.37 -27.08
CA VAL B 209 -22.98 20.57 -27.58
C VAL B 209 -21.50 20.33 -27.84
N MET B 210 -20.84 19.54 -26.99
CA MET B 210 -19.41 19.24 -27.16
C MET B 210 -19.10 18.62 -28.51
N LYS B 211 -20.03 17.83 -29.06
CA LYS B 211 -19.73 17.00 -30.22
C LYS B 211 -19.35 17.82 -31.44
N LYS B 212 -19.76 19.09 -31.50
CA LYS B 212 -19.38 19.95 -32.61
C LYS B 212 -17.88 20.19 -32.63
N LEU B 213 -17.24 20.13 -31.46
CA LEU B 213 -15.80 20.32 -31.36
C LEU B 213 -15.03 19.03 -31.37
N ASP B 214 -15.58 17.95 -30.82
CA ASP B 214 -14.88 16.67 -30.78
C ASP B 214 -15.93 15.60 -30.54
N VAL B 215 -16.13 14.73 -31.53
CA VAL B 215 -17.14 13.67 -31.43
C VAL B 215 -16.80 12.67 -30.32
N GLU B 216 -15.52 12.61 -29.90
CA GLU B 216 -15.07 11.74 -28.82
C GLU B 216 -15.31 12.35 -27.45
N ALA B 217 -15.59 13.65 -27.36
CA ALA B 217 -15.76 14.27 -26.06
C ALA B 217 -17.21 14.12 -25.60
N PRO B 218 -17.45 13.93 -24.29
CA PRO B 218 -16.45 13.81 -23.23
C PRO B 218 -15.77 12.45 -23.25
N HIS B 219 -14.46 12.45 -23.05
CA HIS B 219 -13.72 11.19 -23.08
C HIS B 219 -13.96 10.37 -21.82
N GLU B 220 -14.27 11.03 -20.72
CA GLU B 220 -14.62 10.37 -19.46
C GLU B 220 -15.78 11.14 -18.85
N VAL B 221 -16.82 10.43 -18.44
CA VAL B 221 -17.88 10.98 -17.60
C VAL B 221 -17.70 10.36 -16.22
N MET B 222 -17.21 11.16 -15.29
CA MET B 222 -16.80 10.66 -13.97
C MET B 222 -17.81 11.13 -12.91
N LEU B 223 -18.41 10.17 -12.23
CA LEU B 223 -19.24 10.45 -11.07
C LEU B 223 -18.37 10.51 -9.83
N THR B 224 -18.62 11.48 -8.96
CA THR B 224 -18.06 11.48 -7.62
C THR B 224 -19.16 11.22 -6.61
N ILE B 225 -18.95 10.22 -5.75
CA ILE B 225 -19.85 9.88 -4.66
C ILE B 225 -19.03 9.70 -3.40
N ASP B 226 -19.71 9.84 -2.26
CA ASP B 226 -19.11 9.89 -0.94
C ASP B 226 -19.50 8.62 -0.18
N ALA B 227 -18.50 7.82 0.19
CA ALA B 227 -18.79 6.54 0.84
C ALA B 227 -19.53 6.71 2.15
N SER B 228 -19.38 7.85 2.82
CA SER B 228 -20.06 8.06 4.10
C SER B 228 -21.55 8.32 3.93
N THR B 229 -22.04 8.48 2.71
CA THR B 229 -23.47 8.70 2.48
C THR B 229 -24.24 7.40 2.26
N GLY B 230 -23.58 6.25 2.36
CA GLY B 230 -24.29 4.99 2.33
C GLY B 230 -25.07 4.79 1.04
N GLN B 231 -26.32 4.34 1.16
CA GLN B 231 -27.10 4.01 -0.03
C GLN B 231 -27.45 5.23 -0.87
N ASN B 232 -27.28 6.44 -0.34
CA ASN B 232 -27.44 7.63 -1.17
C ASN B 232 -26.45 7.63 -2.32
N ALA B 233 -25.24 7.10 -2.08
CA ALA B 233 -24.26 7.01 -3.16
C ALA B 233 -24.77 6.12 -4.28
N VAL B 234 -25.44 5.02 -3.92
CA VAL B 234 -25.94 4.10 -4.94
C VAL B 234 -27.09 4.74 -5.71
N SER B 235 -28.02 5.39 -5.02
CA SER B 235 -29.11 6.03 -5.73
C SER B 235 -28.62 7.19 -6.59
N GLN B 236 -27.58 7.90 -6.15
CA GLN B 236 -27.00 8.96 -6.98
C GLN B 236 -26.37 8.37 -8.23
N ALA B 237 -25.60 7.28 -8.09
CA ALA B 237 -25.00 6.64 -9.24
C ALA B 237 -26.06 6.18 -10.25
N LYS B 238 -27.16 5.61 -9.75
CA LYS B 238 -28.21 5.16 -10.66
C LYS B 238 -28.80 6.33 -11.43
N LEU B 239 -29.07 7.44 -10.73
CA LEU B 239 -29.64 8.61 -11.37
C LEU B 239 -28.73 9.14 -12.47
N PHE B 240 -27.45 9.36 -12.15
CA PHE B 240 -26.54 9.95 -13.14
C PHE B 240 -26.25 8.97 -14.28
N HIS B 241 -26.16 7.69 -13.98
CA HIS B 241 -25.84 6.72 -15.03
C HIS B 241 -26.99 6.61 -16.03
N GLU B 242 -28.22 6.62 -15.54
CA GLU B 242 -29.37 6.48 -16.42
C GLU B 242 -29.54 7.69 -17.32
N ALA B 243 -29.10 8.86 -16.87
CA ALA B 243 -29.32 10.06 -17.68
C ALA B 243 -28.17 10.30 -18.63
N VAL B 244 -26.95 10.21 -18.12
CA VAL B 244 -25.75 10.32 -18.91
C VAL B 244 -24.98 9.04 -18.63
N GLY B 245 -24.30 8.52 -19.64
CA GLY B 245 -23.58 7.30 -19.43
C GLY B 245 -22.33 7.53 -18.60
N LEU B 246 -22.24 6.98 -17.40
CA LEU B 246 -20.99 7.12 -16.66
C LEU B 246 -19.96 6.19 -17.27
N THR B 247 -18.71 6.65 -17.28
CA THR B 247 -17.60 5.78 -17.66
C THR B 247 -16.60 5.58 -16.53
N GLY B 248 -16.71 6.31 -15.44
CA GLY B 248 -15.85 6.09 -14.29
C GLY B 248 -16.48 6.67 -13.04
N ILE B 249 -16.03 6.15 -11.90
CA ILE B 249 -16.51 6.57 -10.59
C ILE B 249 -15.31 6.86 -9.70
N THR B 250 -15.41 7.95 -8.94
CA THR B 250 -14.53 8.26 -7.83
C THR B 250 -15.35 8.16 -6.56
N LEU B 251 -14.87 7.39 -5.61
CA LEU B 251 -15.54 7.20 -4.34
C LEU B 251 -14.68 7.85 -3.25
N THR B 252 -15.21 8.90 -2.60
CA THR B 252 -14.44 9.65 -1.63
C THR B 252 -14.78 9.20 -0.21
N LYS B 253 -13.95 9.63 0.73
CA LYS B 253 -14.22 9.54 2.16
C LYS B 253 -14.32 8.09 2.63
N LEU B 254 -13.50 7.22 2.06
CA LEU B 254 -13.50 5.84 2.54
C LEU B 254 -12.88 5.72 3.91
N ASP B 255 -12.02 6.65 4.30
CA ASP B 255 -11.38 6.61 5.60
C ASP B 255 -12.31 7.11 6.69
N GLY B 256 -12.18 6.52 7.88
CA GLY B 256 -12.89 6.91 9.09
C GLY B 256 -14.38 6.57 9.08
N THR B 257 -14.93 6.12 7.96
CA THR B 257 -16.34 5.78 7.87
C THR B 257 -16.56 4.28 8.00
N ALA B 258 -17.60 3.90 8.76
CA ALA B 258 -17.99 2.50 8.86
C ALA B 258 -18.85 2.03 7.68
N LYS B 259 -19.09 2.88 6.69
CA LYS B 259 -19.95 2.57 5.54
C LYS B 259 -19.17 2.24 4.27
N GLY B 260 -17.87 1.93 4.40
CA GLY B 260 -17.05 1.63 3.24
C GLY B 260 -17.59 0.48 2.40
N GLY B 261 -18.44 -0.37 2.99
CA GLY B 261 -19.06 -1.47 2.28
C GLY B 261 -19.90 -1.07 1.06
N VAL B 262 -20.27 0.21 0.93
CA VAL B 262 -21.01 0.65 -0.24
C VAL B 262 -20.21 0.48 -1.56
N ILE B 263 -18.87 0.42 -1.50
CA ILE B 263 -18.10 0.17 -2.71
C ILE B 263 -18.55 -1.12 -3.41
N PHE B 264 -18.97 -2.13 -2.64
CA PHE B 264 -19.41 -3.38 -3.24
C PHE B 264 -20.73 -3.22 -3.96
N SER B 265 -21.64 -2.41 -3.38
CA SER B 265 -22.92 -2.15 -4.01
C SER B 265 -22.74 -1.37 -5.32
N VAL B 266 -21.91 -0.34 -5.29
CA VAL B 266 -21.65 0.45 -6.49
C VAL B 266 -21.02 -0.42 -7.57
N ALA B 267 -20.02 -1.20 -7.19
CA ALA B 267 -19.35 -2.08 -8.16
C ALA B 267 -20.33 -3.08 -8.76
N ASP B 268 -21.09 -3.77 -7.91
CA ASP B 268 -21.93 -4.86 -8.39
C ASP B 268 -23.13 -4.34 -9.17
N GLN B 269 -23.74 -3.25 -8.73
CA GLN B 269 -24.97 -2.81 -9.38
C GLN B 269 -24.74 -2.23 -10.76
N PHE B 270 -23.61 -1.56 -10.99
CA PHE B 270 -23.41 -0.80 -12.22
C PHE B 270 -22.29 -1.29 -13.11
N GLY B 271 -21.27 -1.95 -12.55
CA GLY B 271 -20.19 -2.47 -13.37
C GLY B 271 -19.36 -1.41 -14.06
N ILE B 272 -19.40 -0.18 -13.56
CA ILE B 272 -18.62 0.94 -14.12
C ILE B 272 -17.29 0.98 -13.39
N PRO B 273 -16.18 1.18 -14.10
CA PRO B 273 -14.87 1.23 -13.41
C PRO B 273 -14.85 2.25 -12.27
N ILE B 274 -14.30 1.83 -11.15
CA ILE B 274 -13.98 2.74 -10.06
C ILE B 274 -12.54 3.20 -10.32
N ARG B 275 -12.39 4.47 -10.69
CA ARG B 275 -11.10 4.98 -11.11
C ARG B 275 -10.23 5.33 -9.93
N TYR B 276 -10.81 5.95 -8.91
CA TYR B 276 -10.08 6.49 -7.78
C TYR B 276 -10.90 6.29 -6.52
N ILE B 277 -10.18 6.11 -5.41
CA ILE B 277 -10.76 6.13 -4.08
C ILE B 277 -10.04 7.16 -3.22
N GLY B 278 -10.82 7.91 -2.44
CA GLY B 278 -10.28 8.91 -1.56
C GLY B 278 -10.10 8.32 -0.18
N VAL B 279 -8.85 8.29 0.28
CA VAL B 279 -8.53 7.66 1.56
C VAL B 279 -7.77 8.58 2.50
N GLY B 280 -7.77 9.88 2.23
CA GLY B 280 -7.07 10.82 3.08
C GLY B 280 -7.12 12.22 2.49
N GLU B 281 -6.48 13.15 3.20
CA GLU B 281 -6.57 14.56 2.87
C GLU B 281 -5.54 15.02 1.84
N ARG B 282 -4.46 14.28 1.62
CA ARG B 282 -3.43 14.76 0.71
C ARG B 282 -3.87 14.55 -0.73
N ILE B 283 -3.25 15.32 -1.63
CA ILE B 283 -3.48 15.11 -3.05
C ILE B 283 -3.26 13.65 -3.42
N GLU B 284 -2.17 13.08 -2.92
CA GLU B 284 -1.77 11.70 -3.20
C GLU B 284 -2.72 10.68 -2.60
N ASP B 285 -3.59 11.09 -1.67
CA ASP B 285 -4.53 10.17 -1.04
C ASP B 285 -5.79 9.97 -1.86
N LEU B 286 -5.92 10.65 -3.00
CA LEU B 286 -6.88 10.25 -4.01
C LEU B 286 -6.12 9.23 -4.85
N ARG B 287 -6.34 7.95 -4.56
CA ARG B 287 -5.50 6.89 -5.08
C ARG B 287 -6.17 6.20 -6.26
N PRO B 288 -5.43 5.78 -7.28
CA PRO B 288 -6.03 4.88 -8.26
C PRO B 288 -6.54 3.64 -7.56
N PHE B 289 -7.74 3.20 -7.94
CA PHE B 289 -8.34 2.06 -7.27
C PHE B 289 -7.69 0.76 -7.74
N LYS B 290 -7.18 -0.01 -6.78
CA LYS B 290 -6.60 -1.33 -7.03
C LYS B 290 -7.39 -2.34 -6.22
N ALA B 291 -8.17 -3.18 -6.90
CA ALA B 291 -9.08 -4.08 -6.22
C ALA B 291 -8.35 -5.10 -5.38
N ASP B 292 -7.18 -5.55 -5.83
CA ASP B 292 -6.48 -6.57 -5.07
C ASP B 292 -5.96 -6.02 -3.75
N ASP B 293 -5.35 -4.83 -3.79
CA ASP B 293 -4.91 -4.19 -2.57
C ASP B 293 -6.07 -3.98 -1.62
N PHE B 294 -7.20 -3.53 -2.16
CA PHE B 294 -8.36 -3.24 -1.32
C PHE B 294 -8.86 -4.48 -0.62
N ILE B 295 -9.04 -5.58 -1.36
CA ILE B 295 -9.57 -6.80 -0.77
C ILE B 295 -8.56 -7.37 0.24
N GLU B 296 -7.25 -7.30 -0.06
CA GLU B 296 -6.25 -7.80 0.88
C GLU B 296 -6.24 -6.97 2.15
N ALA B 297 -6.34 -5.64 2.03
CA ALA B 297 -6.41 -4.80 3.22
C ALA B 297 -7.66 -5.09 4.03
N LEU B 298 -8.78 -5.25 3.35
CA LEU B 298 -10.05 -5.46 4.04
C LEU B 298 -10.08 -6.79 4.78
N PHE B 299 -9.58 -7.85 4.15
CA PHE B 299 -9.70 -9.21 4.65
C PHE B 299 -8.49 -9.70 5.44
N ALA B 300 -7.42 -8.93 5.52
CA ALA B 300 -6.25 -9.42 6.24
C ALA B 300 -6.63 -9.83 7.65
N ARG B 301 -6.21 -11.02 8.05
CA ARG B 301 -6.60 -11.57 9.34
C ARG B 301 -5.66 -11.09 10.45
N NH4 C . 10.22 -21.59 7.96
HN1 NH4 C . 11.09 -21.97 7.69
HN2 NH4 C . 10.08 -20.75 7.47
HN3 NH4 C . 9.52 -22.23 7.75
HN4 NH4 C . 10.23 -21.41 8.93
N NH4 D . 16.53 -5.41 37.13
HN1 NH4 D . 16.08 -5.06 37.93
HN2 NH4 D . 16.12 -5.02 36.32
HN3 NH4 D . 17.48 -5.17 37.15
HN4 NH4 D . 16.44 -6.38 37.11
C ACT E . -19.16 26.88 -33.16
O ACT E . -20.29 27.33 -32.85
OXT ACT E . -19.11 25.69 -33.53
CH3 ACT E . -17.93 27.75 -33.08
H1 ACT E . -17.06 27.16 -33.39
H2 ACT E . -17.79 28.09 -32.06
H3 ACT E . -18.04 28.61 -33.74
#